data_5Y0J
#
_entry.id   5Y0J
#
_entity_poly.entity_id   1
_entity_poly.type   'polypeptide(L)'
_entity_poly.pdbx_seq_one_letter_code
;AFCWNVCVYRNAVRVCHRRCN
;
_entity_poly.pdbx_strand_id   A
#
# COMPACT_ATOMS: atom_id res chain seq x y z
N ALA A 1 -3.58 7.68 14.94
CA ALA A 1 -3.35 7.30 13.52
C ALA A 1 -2.70 5.93 13.43
N PHE A 2 -3.35 5.02 12.74
CA PHE A 2 -2.80 3.69 12.48
C PHE A 2 -2.30 3.64 11.05
N CYS A 3 -1.11 3.13 10.84
CA CYS A 3 -0.53 3.09 9.52
C CYS A 3 -0.21 1.65 9.10
N TRP A 4 -0.32 1.38 7.81
CA TRP A 4 -0.11 0.04 7.30
C TRP A 4 0.36 0.08 5.86
N ASN A 5 0.83 -1.07 5.37
CA ASN A 5 1.33 -1.17 4.01
C ASN A 5 0.22 -1.63 3.06
N VAL A 6 -0.24 -0.71 2.23
CA VAL A 6 -1.21 -1.01 1.21
C VAL A 6 -0.51 -1.45 -0.06
N CYS A 7 -0.52 -2.73 -0.33
CA CYS A 7 0.19 -3.27 -1.47
C CYS A 7 -0.77 -3.53 -2.62
N VAL A 8 -0.71 -2.67 -3.63
CA VAL A 8 -1.60 -2.74 -4.78
C VAL A 8 -0.90 -3.41 -5.95
N TYR A 9 -1.60 -4.32 -6.60
CA TYR A 9 -1.11 -4.92 -7.80
C TYR A 9 -1.66 -4.19 -9.01
N ARG A 10 -0.84 -3.31 -9.57
CA ARG A 10 -1.21 -2.58 -10.75
C ARG A 10 -0.12 -2.72 -11.79
N ASN A 11 -0.51 -3.03 -13.01
CA ASN A 11 0.43 -3.35 -14.09
C ASN A 11 1.27 -4.55 -13.70
N ALA A 12 0.68 -5.43 -12.87
CA ALA A 12 1.34 -6.59 -12.29
C ALA A 12 2.44 -6.19 -11.31
N VAL A 13 2.56 -4.90 -11.05
CA VAL A 13 3.54 -4.39 -10.11
C VAL A 13 2.92 -4.29 -8.73
N ARG A 14 3.63 -4.77 -7.73
CA ARG A 14 3.16 -4.71 -6.37
C ARG A 14 3.73 -3.48 -5.68
N VAL A 15 2.91 -2.44 -5.59
CA VAL A 15 3.34 -1.20 -4.96
C VAL A 15 2.75 -1.07 -3.57
N CYS A 16 3.61 -1.14 -2.57
CA CYS A 16 3.19 -1.02 -1.19
C CYS A 16 3.31 0.43 -0.72
N HIS A 17 2.19 0.99 -0.30
CA HIS A 17 2.16 2.36 0.17
C HIS A 17 1.95 2.36 1.68
N ARG A 18 2.62 3.24 2.38
CA ARG A 18 2.42 3.37 3.81
C ARG A 18 1.40 4.47 4.09
N ARG A 19 0.16 4.06 4.32
CA ARG A 19 -0.90 5.02 4.56
C ARG A 19 -1.38 4.92 5.99
N CYS A 20 -2.02 5.97 6.46
CA CYS A 20 -2.52 6.02 7.82
C CYS A 20 -4.00 6.40 7.82
N ASN A 21 -4.72 5.99 8.84
CA ASN A 21 -6.14 6.31 8.93
C ASN A 21 -6.38 7.40 9.96
N ALA A 1 -2.06 7.38 15.21
CA ALA A 1 -2.22 7.12 13.76
C ALA A 1 -1.87 5.68 13.43
N PHE A 2 -2.85 4.94 12.95
CA PHE A 2 -2.64 3.54 12.59
C PHE A 2 -2.20 3.45 11.13
N CYS A 3 -1.03 2.88 10.91
CA CYS A 3 -0.44 2.85 9.57
C CYS A 3 -0.25 1.42 9.10
N TRP A 4 -0.52 1.18 7.82
CA TRP A 4 -0.32 -0.13 7.23
C TRP A 4 0.19 0.01 5.80
N ASN A 5 0.71 -1.09 5.26
CA ASN A 5 1.22 -1.10 3.91
C ASN A 5 0.11 -1.42 2.90
N VAL A 6 -0.24 -0.44 2.10
CA VAL A 6 -1.23 -0.63 1.05
C VAL A 6 -0.55 -1.12 -0.22
N CYS A 7 -0.68 -2.40 -0.48
CA CYS A 7 0.02 -3.02 -1.60
C CYS A 7 -0.94 -3.30 -2.74
N VAL A 8 -0.79 -2.54 -3.81
CA VAL A 8 -1.64 -2.68 -4.98
C VAL A 8 -0.89 -3.37 -6.10
N TYR A 9 -1.52 -4.36 -6.72
CA TYR A 9 -0.95 -5.00 -7.88
C TYR A 9 -1.47 -4.31 -9.13
N ARG A 10 -0.66 -3.42 -9.68
CA ARG A 10 -1.08 -2.60 -10.80
C ARG A 10 -0.13 -2.78 -11.96
N ASN A 11 -0.64 -3.31 -13.07
CA ASN A 11 0.17 -3.70 -14.21
C ASN A 11 1.18 -4.76 -13.78
N ALA A 12 0.71 -5.65 -12.91
CA ALA A 12 1.49 -6.79 -12.42
C ALA A 12 2.69 -6.35 -11.58
N VAL A 13 2.59 -5.21 -10.94
CA VAL A 13 3.62 -4.78 -9.99
C VAL A 13 2.97 -4.54 -8.63
N ARG A 14 3.72 -4.80 -7.58
CA ARG A 14 3.22 -4.63 -6.24
C ARG A 14 3.80 -3.37 -5.61
N VAL A 15 3.01 -2.31 -5.59
CA VAL A 15 3.42 -1.07 -4.96
C VAL A 15 2.76 -0.93 -3.60
N CYS A 16 3.59 -0.83 -2.57
CA CYS A 16 3.10 -0.72 -1.20
C CYS A 16 3.28 0.68 -0.67
N HIS A 17 2.17 1.33 -0.37
CA HIS A 17 2.18 2.69 0.16
C HIS A 17 1.79 2.65 1.62
N ARG A 18 2.54 3.31 2.48
CA ARG A 18 2.24 3.27 3.90
C ARG A 18 1.29 4.41 4.26
N ARG A 19 0.02 4.07 4.40
CA ARG A 19 -1.00 5.07 4.75
C ARG A 19 -1.34 4.97 6.22
N CYS A 20 -1.95 6.01 6.76
CA CYS A 20 -2.27 6.06 8.17
C CYS A 20 -3.67 6.62 8.39
N ASN A 21 -4.33 6.18 9.45
CA ASN A 21 -5.62 6.73 9.83
C ASN A 21 -5.57 7.20 11.28
N ALA A 1 -1.03 7.62 15.37
CA ALA A 1 -1.50 7.32 13.99
C ALA A 1 -1.12 5.91 13.60
N PHE A 2 -2.12 5.06 13.43
CA PHE A 2 -1.91 3.70 13.00
C PHE A 2 -1.68 3.68 11.49
N CYS A 3 -0.65 2.97 11.05
CA CYS A 3 -0.31 2.93 9.64
C CYS A 3 -0.10 1.49 9.18
N TRP A 4 -0.31 1.26 7.91
CA TRP A 4 -0.20 -0.07 7.33
C TRP A 4 0.28 0.05 5.89
N ASN A 5 0.46 -1.09 5.23
CA ASN A 5 0.91 -1.09 3.84
C ASN A 5 -0.23 -1.45 2.90
N VAL A 6 -0.61 -0.48 2.07
CA VAL A 6 -1.57 -0.72 1.01
C VAL A 6 -0.82 -1.11 -0.25
N CYS A 7 -0.90 -2.39 -0.58
CA CYS A 7 -0.17 -2.93 -1.72
C CYS A 7 -1.09 -3.08 -2.92
N VAL A 8 -0.87 -2.24 -3.92
CA VAL A 8 -1.66 -2.29 -5.14
C VAL A 8 -0.94 -3.08 -6.21
N TYR A 9 -1.65 -3.98 -6.85
CA TYR A 9 -1.11 -4.71 -7.98
C TYR A 9 -1.47 -4.00 -9.26
N ARG A 10 -0.53 -3.23 -9.78
CA ARG A 10 -0.75 -2.48 -11.00
C ARG A 10 0.21 -2.94 -12.06
N ASN A 11 -0.32 -3.56 -13.12
CA ASN A 11 0.50 -4.12 -14.19
C ASN A 11 1.43 -5.18 -13.62
N ALA A 12 0.87 -5.97 -12.69
CA ALA A 12 1.60 -7.05 -12.00
C ALA A 12 2.64 -6.50 -11.02
N VAL A 13 2.79 -5.19 -10.96
CA VAL A 13 3.72 -4.58 -10.02
C VAL A 13 3.01 -4.25 -8.73
N ARG A 14 3.56 -4.74 -7.63
CA ARG A 14 2.99 -4.53 -6.32
C ARG A 14 3.60 -3.29 -5.68
N VAL A 15 2.84 -2.21 -5.64
CA VAL A 15 3.30 -0.99 -4.99
C VAL A 15 2.66 -0.87 -3.61
N CYS A 16 3.48 -0.90 -2.58
CA CYS A 16 2.98 -0.81 -1.22
C CYS A 16 3.21 0.58 -0.67
N HIS A 17 2.13 1.22 -0.22
CA HIS A 17 2.20 2.56 0.33
C HIS A 17 2.05 2.50 1.84
N ARG A 18 2.56 3.51 2.53
CA ARG A 18 2.30 3.61 3.95
C ARG A 18 1.04 4.41 4.17
N ARG A 19 -0.05 3.71 4.43
CA ARG A 19 -1.34 4.31 4.61
C ARG A 19 -1.66 4.43 6.10
N CYS A 20 -2.05 5.62 6.51
CA CYS A 20 -2.35 5.87 7.90
C CYS A 20 -3.81 6.31 8.05
N ASN A 21 -4.34 6.23 9.25
CA ASN A 21 -5.72 6.63 9.50
C ASN A 21 -5.82 8.14 9.57
N ALA A 1 -1.55 7.89 14.49
CA ALA A 1 -2.52 7.20 13.60
C ALA A 1 -2.00 5.83 13.22
N PHE A 2 -2.92 4.90 13.00
CA PHE A 2 -2.56 3.56 12.57
C PHE A 2 -2.19 3.58 11.08
N CYS A 3 -0.99 3.11 10.77
CA CYS A 3 -0.50 3.10 9.41
C CYS A 3 -0.11 1.70 8.99
N TRP A 4 -0.40 1.34 7.75
CA TRP A 4 -0.10 0.01 7.25
C TRP A 4 0.38 0.07 5.81
N ASN A 5 1.00 -1.01 5.35
CA ASN A 5 1.46 -1.11 3.98
C ASN A 5 0.35 -1.60 3.07
N VAL A 6 -0.16 -0.73 2.23
CA VAL A 6 -1.15 -1.11 1.24
C VAL A 6 -0.48 -1.52 -0.05
N CYS A 7 -0.46 -2.81 -0.32
CA CYS A 7 0.14 -3.32 -1.54
C CYS A 7 -0.89 -3.38 -2.65
N VAL A 8 -0.69 -2.55 -3.66
CA VAL A 8 -1.57 -2.53 -4.81
C VAL A 8 -0.85 -3.16 -6.00
N TYR A 9 -1.57 -4.01 -6.72
CA TYR A 9 -1.03 -4.60 -7.91
C TYR A 9 -1.44 -3.78 -9.12
N ARG A 10 -0.53 -2.94 -9.54
CA ARG A 10 -0.76 -2.05 -10.67
C ARG A 10 0.08 -2.50 -11.84
N ASN A 11 -0.57 -3.05 -12.85
CA ASN A 11 0.13 -3.66 -13.99
C ASN A 11 1.00 -4.81 -13.52
N ALA A 12 0.45 -5.61 -12.61
CA ALA A 12 1.13 -6.77 -12.03
C ALA A 12 2.31 -6.37 -11.13
N VAL A 13 2.51 -5.07 -10.97
CA VAL A 13 3.56 -4.57 -10.10
C VAL A 13 3.00 -4.31 -8.71
N ARG A 14 3.63 -4.90 -7.71
CA ARG A 14 3.18 -4.77 -6.34
C ARG A 14 3.78 -3.53 -5.69
N VAL A 15 2.99 -2.47 -5.63
CA VAL A 15 3.43 -1.24 -4.99
C VAL A 15 2.77 -1.08 -3.63
N CYS A 16 3.58 -1.15 -2.59
CA CYS A 16 3.06 -0.99 -1.24
C CYS A 16 3.25 0.44 -0.76
N HIS A 17 2.19 1.00 -0.19
CA HIS A 17 2.20 2.37 0.27
C HIS A 17 2.00 2.39 1.79
N ARG A 18 2.63 3.32 2.47
CA ARG A 18 2.38 3.49 3.89
C ARG A 18 1.26 4.49 4.08
N ARG A 19 0.05 3.99 4.30
CA ARG A 19 -1.11 4.87 4.44
C ARG A 19 -1.66 4.78 5.85
N CYS A 20 -2.32 5.85 6.28
CA CYS A 20 -2.83 5.93 7.64
C CYS A 20 -4.30 6.34 7.63
N ASN A 21 -5.02 6.02 8.69
CA ASN A 21 -6.42 6.40 8.78
C ASN A 21 -6.58 7.50 9.83
N ALA A 1 -1.73 7.93 14.71
CA ALA A 1 -2.51 7.41 13.58
C ALA A 1 -2.19 5.94 13.33
N PHE A 2 -3.14 5.22 12.77
CA PHE A 2 -2.95 3.81 12.44
C PHE A 2 -2.52 3.71 10.98
N CYS A 3 -1.26 3.36 10.77
CA CYS A 3 -0.69 3.32 9.44
C CYS A 3 -0.23 1.91 9.09
N TRP A 4 -0.49 1.49 7.86
CA TRP A 4 -0.10 0.16 7.42
C TRP A 4 0.31 0.18 5.95
N ASN A 5 1.02 -0.87 5.54
CA ASN A 5 1.47 -1.00 4.16
C ASN A 5 0.38 -1.61 3.30
N VAL A 6 -0.03 -0.87 2.29
CA VAL A 6 -0.99 -1.36 1.33
C VAL A 6 -0.28 -1.73 0.04
N CYS A 7 -0.18 -3.02 -0.23
CA CYS A 7 0.44 -3.51 -1.44
C CYS A 7 -0.60 -3.65 -2.54
N VAL A 8 -0.47 -2.85 -3.57
CA VAL A 8 -1.40 -2.88 -4.68
C VAL A 8 -0.70 -3.43 -5.91
N TYR A 9 -1.35 -4.35 -6.59
CA TYR A 9 -0.86 -4.85 -7.86
C TYR A 9 -1.40 -3.97 -8.98
N ARG A 10 -0.58 -3.03 -9.40
CA ARG A 10 -0.97 -2.09 -10.42
C ARG A 10 -0.11 -2.30 -11.66
N ASN A 11 -0.77 -2.71 -12.75
CA ASN A 11 -0.07 -3.11 -13.97
C ASN A 11 0.78 -4.34 -13.70
N ALA A 12 0.24 -5.22 -12.84
CA ALA A 12 0.91 -6.44 -12.42
C ALA A 12 2.19 -6.15 -11.64
N VAL A 13 2.29 -4.94 -11.11
CA VAL A 13 3.42 -4.56 -10.27
C VAL A 13 2.95 -4.31 -8.85
N ARG A 14 3.59 -4.96 -7.90
CA ARG A 14 3.22 -4.86 -6.50
C ARG A 14 3.89 -3.65 -5.85
N VAL A 15 3.11 -2.62 -5.60
CA VAL A 15 3.61 -1.43 -4.93
C VAL A 15 2.97 -1.28 -3.56
N CYS A 16 3.79 -1.26 -2.51
CA CYS A 16 3.29 -1.05 -1.17
C CYS A 16 3.42 0.41 -0.76
N HIS A 17 2.33 0.94 -0.24
CA HIS A 17 2.31 2.32 0.23
C HIS A 17 2.00 2.32 1.71
N ARG A 18 2.65 3.17 2.47
CA ARG A 18 2.34 3.30 3.88
C ARG A 18 1.26 4.35 4.07
N ARG A 19 0.04 3.89 4.22
CA ARG A 19 -1.10 4.79 4.35
C ARG A 19 -1.52 4.87 5.81
N CYS A 20 -2.29 5.88 6.14
CA CYS A 20 -2.77 6.06 7.49
C CYS A 20 -4.29 6.28 7.46
N ASN A 21 -4.94 5.97 8.57
CA ASN A 21 -6.39 6.10 8.66
C ASN A 21 -6.80 7.56 8.80
N ALA A 1 -5.27 6.64 15.69
CA ALA A 1 -4.77 6.53 14.30
C ALA A 1 -3.67 5.49 14.20
N PHE A 2 -3.65 4.77 13.09
CA PHE A 2 -2.60 3.80 12.82
C PHE A 2 -2.29 3.81 11.34
N CYS A 3 -1.15 3.24 10.98
CA CYS A 3 -0.72 3.26 9.59
C CYS A 3 -0.27 1.87 9.16
N TRP A 4 -0.55 1.52 7.91
CA TRP A 4 -0.24 0.18 7.41
C TRP A 4 0.26 0.26 5.97
N ASN A 5 0.85 -0.84 5.51
CA ASN A 5 1.35 -0.93 4.16
C ASN A 5 0.28 -1.47 3.21
N VAL A 6 -0.12 -0.64 2.28
CA VAL A 6 -1.10 -1.01 1.27
C VAL A 6 -0.41 -1.43 -0.01
N CYS A 7 -0.46 -2.72 -0.30
CA CYS A 7 0.15 -3.25 -1.51
C CYS A 7 -0.89 -3.40 -2.62
N VAL A 8 -0.59 -2.80 -3.76
CA VAL A 8 -1.49 -2.87 -4.91
C VAL A 8 -0.77 -3.50 -6.09
N TYR A 9 -1.44 -4.42 -6.76
CA TYR A 9 -0.91 -4.99 -7.97
C TYR A 9 -1.41 -4.20 -9.15
N ARG A 10 -0.59 -3.31 -9.64
CA ARG A 10 -0.97 -2.45 -10.74
C ARG A 10 -0.10 -2.74 -11.96
N ASN A 11 -0.73 -3.14 -13.05
CA ASN A 11 -0.03 -3.50 -14.28
C ASN A 11 0.94 -4.65 -14.01
N ALA A 12 0.49 -5.56 -13.14
CA ALA A 12 1.27 -6.74 -12.75
C ALA A 12 2.53 -6.35 -11.97
N VAL A 13 2.53 -5.15 -11.41
CA VAL A 13 3.61 -4.71 -10.55
C VAL A 13 3.04 -4.34 -9.19
N ARG A 14 3.63 -4.89 -8.14
CA ARG A 14 3.12 -4.70 -6.80
C ARG A 14 3.79 -3.49 -6.15
N VAL A 15 3.00 -2.69 -5.45
CA VAL A 15 3.53 -1.51 -4.79
C VAL A 15 2.87 -1.32 -3.43
N CYS A 16 3.68 -1.08 -2.40
CA CYS A 16 3.14 -0.87 -1.06
C CYS A 16 3.35 0.57 -0.62
N HIS A 17 2.30 1.16 -0.04
CA HIS A 17 2.37 2.51 0.49
C HIS A 17 2.04 2.47 1.97
N ARG A 18 2.74 3.25 2.77
CA ARG A 18 2.41 3.35 4.18
C ARG A 18 1.42 4.48 4.39
N ARG A 19 0.15 4.13 4.52
CA ARG A 19 -0.89 5.12 4.70
C ARG A 19 -1.56 4.93 6.05
N CYS A 20 -2.26 5.94 6.50
CA CYS A 20 -2.90 5.92 7.81
C CYS A 20 -4.41 6.07 7.66
N ASN A 21 -5.15 5.82 8.73
CA ASN A 21 -6.60 5.89 8.68
C ASN A 21 -7.12 7.28 9.03
N ALA A 1 -0.81 7.58 15.51
CA ALA A 1 -1.44 7.29 14.20
C ALA A 1 -1.17 5.86 13.77
N PHE A 2 -2.23 5.14 13.46
CA PHE A 2 -2.10 3.77 12.98
C PHE A 2 -1.89 3.76 11.48
N CYS A 3 -0.79 3.17 11.05
CA CYS A 3 -0.46 3.09 9.64
C CYS A 3 -0.24 1.64 9.23
N TRP A 4 -0.54 1.35 7.97
CA TRP A 4 -0.40 0.01 7.44
C TRP A 4 0.09 0.07 5.99
N ASN A 5 0.36 -1.08 5.40
CA ASN A 5 0.86 -1.13 4.03
C ASN A 5 -0.26 -1.51 3.05
N VAL A 6 -0.62 -0.58 2.19
CA VAL A 6 -1.54 -0.87 1.10
C VAL A 6 -0.75 -1.23 -0.14
N CYS A 7 -0.74 -2.51 -0.45
CA CYS A 7 0.01 -3.00 -1.59
C CYS A 7 -0.91 -3.21 -2.78
N VAL A 8 -0.78 -2.35 -3.76
CA VAL A 8 -1.60 -2.44 -4.96
C VAL A 8 -0.87 -3.18 -6.04
N TYR A 9 -1.55 -4.11 -6.68
CA TYR A 9 -1.00 -4.82 -7.82
C TYR A 9 -1.56 -4.22 -9.09
N ARG A 10 -0.77 -3.35 -9.70
CA ARG A 10 -1.15 -2.70 -10.93
C ARG A 10 -0.07 -2.95 -11.96
N ASN A 11 -0.49 -3.29 -13.17
CA ASN A 11 0.45 -3.67 -14.24
C ASN A 11 1.29 -4.87 -13.78
N ALA A 12 0.69 -5.68 -12.90
CA ALA A 12 1.36 -6.82 -12.27
C ALA A 12 2.52 -6.38 -11.37
N VAL A 13 2.59 -5.09 -11.08
CA VAL A 13 3.62 -4.54 -10.21
C VAL A 13 3.05 -4.29 -8.82
N ARG A 14 3.77 -4.72 -7.80
CA ARG A 14 3.37 -4.53 -6.43
C ARG A 14 3.95 -3.23 -5.87
N VAL A 15 3.07 -2.29 -5.55
CA VAL A 15 3.50 -1.07 -4.89
C VAL A 15 2.85 -0.95 -3.51
N CYS A 16 3.67 -1.10 -2.47
CA CYS A 16 3.19 -0.99 -1.10
C CYS A 16 3.35 0.44 -0.60
N HIS A 17 2.22 1.05 -0.24
CA HIS A 17 2.22 2.42 0.23
C HIS A 17 2.04 2.44 1.74
N ARG A 18 2.62 3.42 2.40
CA ARG A 18 2.45 3.56 3.84
C ARG A 18 1.23 4.43 4.10
N ARG A 19 0.12 3.77 4.38
CA ARG A 19 -1.17 4.42 4.49
C ARG A 19 -1.61 4.51 5.95
N CYS A 20 -2.05 5.69 6.35
CA CYS A 20 -2.48 5.91 7.73
C CYS A 20 -3.94 6.34 7.75
N ASN A 21 -4.48 6.58 8.93
CA ASN A 21 -5.85 7.04 9.06
C ASN A 21 -5.94 8.15 10.10
N ALA A 1 -4.16 6.79 15.83
CA ALA A 1 -3.91 6.61 14.38
C ALA A 1 -3.07 5.37 14.13
N PHE A 2 -3.33 4.73 13.01
CA PHE A 2 -2.60 3.53 12.61
C PHE A 2 -2.21 3.62 11.15
N CYS A 3 -0.96 3.30 10.85
CA CYS A 3 -0.48 3.30 9.48
C CYS A 3 -0.07 1.90 9.08
N TRP A 4 -0.33 1.55 7.82
CA TRP A 4 -0.01 0.22 7.33
C TRP A 4 0.42 0.26 5.88
N ASN A 5 0.96 -0.85 5.39
CA ASN A 5 1.39 -0.94 4.01
C ASN A 5 0.28 -1.52 3.15
N VAL A 6 -0.16 -0.73 2.17
CA VAL A 6 -1.16 -1.17 1.22
C VAL A 6 -0.50 -1.58 -0.08
N CYS A 7 -0.45 -2.88 -0.35
CA CYS A 7 0.14 -3.38 -1.57
C CYS A 7 -0.90 -3.50 -2.66
N VAL A 8 -0.75 -2.70 -3.69
CA VAL A 8 -1.65 -2.73 -4.83
C VAL A 8 -0.94 -3.37 -6.00
N TYR A 9 -1.60 -4.31 -6.65
CA TYR A 9 -1.06 -4.91 -7.85
C TYR A 9 -1.52 -4.10 -9.05
N ARG A 10 -0.64 -3.21 -9.51
CA ARG A 10 -0.97 -2.33 -10.59
C ARG A 10 0.02 -2.52 -11.73
N ASN A 11 -0.50 -2.84 -12.91
CA ASN A 11 0.34 -3.17 -14.07
C ASN A 11 1.18 -4.41 -13.75
N ALA A 12 0.60 -5.31 -12.97
CA ALA A 12 1.26 -6.54 -12.53
C ALA A 12 2.46 -6.24 -11.64
N VAL A 13 2.50 -5.04 -11.08
CA VAL A 13 3.55 -4.64 -10.16
C VAL A 13 2.96 -4.43 -8.77
N ARG A 14 3.61 -4.99 -7.77
CA ARG A 14 3.15 -4.90 -6.42
C ARG A 14 3.81 -3.70 -5.72
N VAL A 15 3.00 -2.69 -5.44
CA VAL A 15 3.50 -1.51 -4.75
C VAL A 15 2.80 -1.32 -3.41
N CYS A 16 3.58 -1.34 -2.34
CA CYS A 16 3.04 -1.10 -1.01
C CYS A 16 3.20 0.37 -0.63
N HIS A 17 2.09 0.98 -0.25
CA HIS A 17 2.10 2.37 0.16
C HIS A 17 1.88 2.46 1.66
N ARG A 18 2.54 3.40 2.30
CA ARG A 18 2.39 3.59 3.73
C ARG A 18 1.29 4.62 3.99
N ARG A 19 0.10 4.14 4.30
CA ARG A 19 -1.02 5.02 4.52
C ARG A 19 -1.52 4.89 5.95
N CYS A 20 -2.27 5.87 6.40
CA CYS A 20 -2.79 5.89 7.76
C CYS A 20 -4.29 6.11 7.75
N ASN A 21 -4.96 5.87 8.86
CA ASN A 21 -6.41 5.99 8.92
C ASN A 21 -6.83 7.45 9.13
N ALA A 1 -1.72 7.81 15.03
CA ALA A 1 -2.47 7.35 13.84
C ALA A 1 -2.03 5.97 13.43
N PHE A 2 -2.98 5.07 13.21
CA PHE A 2 -2.67 3.72 12.80
C PHE A 2 -2.21 3.71 11.34
N CYS A 3 -1.08 3.08 11.09
CA CYS A 3 -0.53 3.03 9.75
C CYS A 3 -0.31 1.60 9.31
N TRP A 4 -0.60 1.31 8.04
CA TRP A 4 -0.41 -0.03 7.51
C TRP A 4 0.09 0.04 6.08
N ASN A 5 0.44 -1.11 5.53
CA ASN A 5 0.94 -1.18 4.17
C ASN A 5 -0.17 -1.55 3.19
N VAL A 6 -0.33 -0.73 2.18
CA VAL A 6 -1.30 -0.99 1.13
C VAL A 6 -0.57 -1.36 -0.16
N CYS A 7 -0.54 -2.64 -0.46
CA CYS A 7 0.14 -3.13 -1.64
C CYS A 7 -0.83 -3.25 -2.79
N VAL A 8 -0.62 -2.45 -3.82
CA VAL A 8 -1.47 -2.49 -5.00
C VAL A 8 -0.77 -3.20 -6.14
N TYR A 9 -1.47 -4.10 -6.79
CA TYR A 9 -0.96 -4.77 -7.96
C TYR A 9 -1.47 -4.07 -9.20
N ARG A 10 -0.64 -3.22 -9.75
CA ARG A 10 -1.03 -2.42 -10.91
C ARG A 10 -0.17 -2.79 -12.10
N ASN A 11 -0.74 -3.56 -13.03
CA ASN A 11 -0.02 -4.10 -14.18
C ASN A 11 1.08 -5.05 -13.73
N ALA A 12 0.71 -5.95 -12.81
CA ALA A 12 1.62 -6.96 -12.26
C ALA A 12 2.80 -6.31 -11.54
N VAL A 13 2.58 -5.13 -10.99
CA VAL A 13 3.58 -4.46 -10.18
C VAL A 13 3.02 -4.21 -8.79
N ARG A 14 3.69 -4.73 -7.78
CA ARG A 14 3.28 -4.55 -6.40
C ARG A 14 3.83 -3.25 -5.85
N VAL A 15 3.01 -2.22 -5.85
CA VAL A 15 3.39 -0.96 -5.24
C VAL A 15 2.73 -0.83 -3.87
N CYS A 16 3.52 -0.85 -2.83
CA CYS A 16 2.99 -0.76 -1.49
C CYS A 16 3.19 0.64 -0.93
N HIS A 17 2.17 1.14 -0.28
CA HIS A 17 2.20 2.48 0.28
C HIS A 17 1.97 2.40 1.78
N ARG A 18 2.72 3.18 2.53
CA ARG A 18 2.53 3.25 3.97
C ARG A 18 1.53 4.35 4.28
N ARG A 19 0.30 3.95 4.54
CA ARG A 19 -0.76 4.93 4.75
C ARG A 19 -1.27 4.87 6.18
N CYS A 20 -1.90 5.94 6.62
CA CYS A 20 -2.43 6.03 7.96
C CYS A 20 -3.84 6.59 7.94
N ASN A 21 -4.69 6.15 8.85
CA ASN A 21 -6.05 6.67 8.93
C ASN A 21 -6.14 7.77 9.97
N ALA A 1 -1.46 9.05 13.85
CA ALA A 1 -2.20 8.13 12.96
C ALA A 1 -1.46 6.82 12.80
N PHE A 2 -2.20 5.75 12.63
CA PHE A 2 -1.64 4.42 12.45
C PHE A 2 -1.45 4.12 10.98
N CYS A 3 -0.22 3.91 10.57
CA CYS A 3 0.08 3.58 9.18
C CYS A 3 0.30 2.08 9.01
N TRP A 4 -0.29 1.55 7.97
CA TRP A 4 -0.14 0.15 7.60
C TRP A 4 0.29 0.08 6.14
N ASN A 5 0.45 -1.13 5.62
CA ASN A 5 0.84 -1.31 4.23
C ASN A 5 -0.35 -1.75 3.37
N VAL A 6 -0.53 -1.07 2.25
CA VAL A 6 -1.52 -1.47 1.26
C VAL A 6 -0.83 -1.86 -0.04
N CYS A 7 -0.72 -3.15 -0.28
CA CYS A 7 -0.03 -3.66 -1.46
C CYS A 7 -1.00 -3.80 -2.63
N VAL A 8 -0.82 -2.98 -3.64
CA VAL A 8 -1.67 -3.01 -4.82
C VAL A 8 -0.90 -3.51 -6.03
N TYR A 9 -1.51 -4.38 -6.79
CA TYR A 9 -0.93 -4.83 -8.05
C TYR A 9 -1.30 -3.87 -9.16
N ARG A 10 -0.36 -3.00 -9.48
CA ARG A 10 -0.59 -1.97 -10.48
C ARG A 10 0.38 -2.18 -11.63
N ASN A 11 -0.16 -2.57 -12.78
CA ASN A 11 0.65 -2.94 -13.95
C ASN A 11 1.48 -4.18 -13.64
N ALA A 12 0.88 -5.10 -12.88
CA ALA A 12 1.53 -6.33 -12.44
C ALA A 12 2.69 -6.07 -11.49
N VAL A 13 2.82 -4.83 -11.06
CA VAL A 13 3.82 -4.47 -10.07
C VAL A 13 3.16 -4.23 -8.73
N ARG A 14 3.59 -4.97 -7.73
CA ARG A 14 3.01 -4.87 -6.41
C ARG A 14 3.59 -3.67 -5.68
N VAL A 15 2.83 -2.60 -5.64
CA VAL A 15 3.23 -1.40 -4.93
C VAL A 15 2.53 -1.30 -3.60
N CYS A 16 3.29 -1.32 -2.52
CA CYS A 16 2.71 -1.17 -1.21
C CYS A 16 2.81 0.27 -0.75
N HIS A 17 1.73 0.80 -0.25
CA HIS A 17 1.66 2.18 0.18
C HIS A 17 1.65 2.25 1.69
N ARG A 18 2.21 3.30 2.25
CA ARG A 18 2.15 3.52 3.67
C ARG A 18 0.90 4.34 3.98
N ARG A 19 -0.13 3.65 4.41
CA ARG A 19 -1.46 4.25 4.55
C ARG A 19 -1.84 4.41 6.02
N CYS A 20 -2.19 5.63 6.39
CA CYS A 20 -2.61 5.95 7.74
C CYS A 20 -4.10 6.24 7.79
N ASN A 21 -4.68 6.16 8.98
CA ASN A 21 -6.09 6.49 9.17
C ASN A 21 -6.22 7.95 9.59
N ALA A 1 -2.01 7.04 14.87
CA ALA A 1 -2.36 7.32 13.47
C ALA A 1 -2.61 6.04 12.69
N PHE A 2 -2.19 4.92 13.27
CA PHE A 2 -2.35 3.59 12.67
C PHE A 2 -2.01 3.58 11.19
N CYS A 3 -0.75 3.32 10.88
CA CYS A 3 -0.29 3.31 9.50
C CYS A 3 0.00 1.87 9.08
N TRP A 4 -0.41 1.52 7.87
CA TRP A 4 -0.24 0.17 7.37
C TRP A 4 0.18 0.18 5.90
N ASN A 5 0.59 -0.98 5.41
CA ASN A 5 1.06 -1.13 4.04
C ASN A 5 -0.06 -1.62 3.13
N VAL A 6 -0.52 -0.74 2.25
CA VAL A 6 -1.52 -1.12 1.25
C VAL A 6 -0.81 -1.52 -0.04
N CYS A 7 -0.79 -2.80 -0.32
CA CYS A 7 -0.07 -3.32 -1.48
C CYS A 7 -1.02 -3.59 -2.63
N VAL A 8 -0.89 -2.81 -3.70
CA VAL A 8 -1.75 -2.96 -4.86
C VAL A 8 -0.95 -3.53 -6.01
N TYR A 9 -1.55 -4.47 -6.73
CA TYR A 9 -0.93 -5.01 -7.92
C TYR A 9 -1.43 -4.26 -9.14
N ARG A 10 -0.66 -3.29 -9.58
CA ARG A 10 -1.03 -2.50 -10.73
C ARG A 10 0.03 -2.66 -11.82
N ASN A 11 -0.41 -3.00 -13.01
CA ASN A 11 0.48 -3.30 -14.13
C ASN A 11 1.43 -4.45 -13.77
N ALA A 12 0.90 -5.39 -12.98
CA ALA A 12 1.66 -6.54 -12.48
C ALA A 12 2.80 -6.11 -11.56
N VAL A 13 2.73 -4.88 -11.08
CA VAL A 13 3.72 -4.37 -10.14
C VAL A 13 3.10 -4.24 -8.76
N ARG A 14 3.75 -4.80 -7.77
CA ARG A 14 3.27 -4.75 -6.41
C ARG A 14 3.70 -3.45 -5.76
N VAL A 15 2.75 -2.58 -5.50
CA VAL A 15 3.07 -1.29 -4.91
C VAL A 15 2.49 -1.20 -3.49
N CYS A 16 3.36 -1.18 -2.51
CA CYS A 16 2.93 -1.07 -1.13
C CYS A 16 3.05 0.36 -0.65
N HIS A 17 1.91 0.95 -0.30
CA HIS A 17 1.88 2.32 0.19
C HIS A 17 1.81 2.31 1.70
N ARG A 18 2.51 3.24 2.32
CA ARG A 18 2.41 3.39 3.75
C ARG A 18 1.41 4.50 4.04
N ARG A 19 0.20 4.11 4.37
CA ARG A 19 -0.87 5.06 4.59
C ARG A 19 -1.34 4.98 6.03
N CYS A 20 -1.91 6.06 6.51
CA CYS A 20 -2.35 6.14 7.89
C CYS A 20 -3.83 6.48 7.94
N ASN A 21 -4.46 6.24 9.07
CA ASN A 21 -5.88 6.53 9.23
C ASN A 21 -6.10 8.02 9.40
N ALA A 1 -4.43 6.53 15.49
CA ALA A 1 -4.10 6.43 14.04
C ALA A 1 -3.17 5.26 13.79
N PHE A 2 -3.54 4.42 12.83
CA PHE A 2 -2.76 3.24 12.50
C PHE A 2 -2.22 3.35 11.07
N CYS A 3 -0.92 3.14 10.93
CA CYS A 3 -0.29 3.15 9.61
C CYS A 3 0.01 1.74 9.15
N TRP A 4 -0.15 1.48 7.86
CA TRP A 4 0.12 0.17 7.29
C TRP A 4 0.44 0.29 5.81
N ASN A 5 0.89 -0.80 5.22
CA ASN A 5 1.28 -0.82 3.83
C ASN A 5 0.18 -1.40 2.96
N VAL A 6 -0.41 -0.54 2.14
CA VAL A 6 -1.41 -0.97 1.18
C VAL A 6 -0.71 -1.36 -0.11
N CYS A 7 -0.66 -2.66 -0.38
CA CYS A 7 0.04 -3.17 -1.53
C CYS A 7 -0.93 -3.44 -2.66
N VAL A 8 -0.81 -2.68 -3.73
CA VAL A 8 -1.69 -2.79 -4.87
C VAL A 8 -0.97 -3.46 -6.04
N TYR A 9 -1.65 -4.37 -6.69
CA TYR A 9 -1.13 -4.98 -7.89
C TYR A 9 -1.55 -4.14 -9.10
N ARG A 10 -0.64 -3.30 -9.54
CA ARG A 10 -0.91 -2.39 -10.62
C ARG A 10 0.16 -2.58 -11.69
N ASN A 11 -0.27 -2.93 -12.90
CA ASN A 11 0.64 -3.27 -14.00
C ASN A 11 1.42 -4.53 -13.65
N ALA A 12 0.77 -5.41 -12.87
CA ALA A 12 1.38 -6.65 -12.37
C ALA A 12 2.50 -6.35 -11.39
N VAL A 13 2.59 -5.10 -10.95
CA VAL A 13 3.58 -4.71 -9.97
C VAL A 13 2.91 -4.46 -8.63
N ARG A 14 3.44 -5.09 -7.60
CA ARG A 14 2.94 -4.92 -6.26
C ARG A 14 3.56 -3.70 -5.61
N VAL A 15 2.82 -2.61 -5.58
CA VAL A 15 3.31 -1.37 -4.97
C VAL A 15 2.71 -1.19 -3.59
N CYS A 16 3.57 -1.06 -2.59
CA CYS A 16 3.11 -0.92 -1.22
C CYS A 16 3.23 0.52 -0.75
N HIS A 17 2.09 1.10 -0.41
CA HIS A 17 2.04 2.48 0.05
C HIS A 17 1.85 2.51 1.55
N ARG A 18 2.51 3.44 2.22
CA ARG A 18 2.30 3.61 3.65
C ARG A 18 1.17 4.60 3.88
N ARG A 19 0.06 4.09 4.36
CA ARG A 19 -1.08 4.94 4.63
C ARG A 19 -1.39 4.89 6.12
N CYS A 20 -2.07 5.90 6.61
CA CYS A 20 -2.39 5.99 8.03
C CYS A 20 -3.84 6.37 8.22
N ASN A 21 -4.49 5.70 9.17
CA ASN A 21 -5.90 5.94 9.45
C ASN A 21 -6.10 6.10 10.94
N ALA A 1 -1.63 7.97 14.72
CA ALA A 1 -2.78 7.06 14.88
C ALA A 1 -2.38 5.61 14.60
N PHE A 2 -2.51 5.23 13.36
CA PHE A 2 -2.15 3.90 12.91
C PHE A 2 -1.91 3.91 11.40
N CYS A 3 -0.77 3.37 10.98
CA CYS A 3 -0.41 3.35 9.57
C CYS A 3 0.04 1.97 9.17
N TRP A 4 -0.19 1.60 7.91
CA TRP A 4 0.15 0.27 7.43
C TRP A 4 0.51 0.32 5.95
N ASN A 5 0.99 -0.80 5.42
CA ASN A 5 1.39 -0.88 4.02
C ASN A 5 0.28 -1.52 3.20
N VAL A 6 -0.20 -0.78 2.21
CA VAL A 6 -1.20 -1.28 1.29
C VAL A 6 -0.55 -1.62 -0.05
N CYS A 7 -0.47 -2.89 -0.35
CA CYS A 7 0.12 -3.34 -1.61
C CYS A 7 -0.96 -3.46 -2.68
N VAL A 8 -0.74 -2.78 -3.79
CA VAL A 8 -1.65 -2.80 -4.90
C VAL A 8 -0.99 -3.42 -6.12
N TYR A 9 -1.73 -4.25 -6.83
CA TYR A 9 -1.25 -4.83 -8.06
C TYR A 9 -1.65 -3.95 -9.23
N ARG A 10 -0.72 -3.14 -9.70
CA ARG A 10 -0.95 -2.33 -10.86
C ARG A 10 0.18 -2.57 -11.86
N ASN A 11 -0.18 -2.78 -13.12
CA ASN A 11 0.80 -3.09 -14.16
C ASN A 11 1.49 -4.41 -13.85
N ALA A 12 0.80 -5.25 -13.06
CA ALA A 12 1.34 -6.50 -12.54
C ALA A 12 2.52 -6.24 -11.61
N VAL A 13 2.56 -5.04 -11.03
CA VAL A 13 3.57 -4.70 -10.06
C VAL A 13 2.93 -4.47 -8.70
N ARG A 14 3.46 -5.14 -7.69
CA ARG A 14 2.94 -5.06 -6.34
C ARG A 14 3.60 -3.91 -5.58
N VAL A 15 2.91 -2.79 -5.49
CA VAL A 15 3.44 -1.62 -4.80
C VAL A 15 2.74 -1.38 -3.47
N CYS A 16 3.53 -1.30 -2.41
CA CYS A 16 3.00 -1.04 -1.08
C CYS A 16 3.10 0.44 -0.74
N HIS A 17 1.98 1.00 -0.31
CA HIS A 17 1.94 2.40 0.12
C HIS A 17 1.70 2.45 1.61
N ARG A 18 2.39 3.33 2.31
CA ARG A 18 2.17 3.47 3.74
C ARG A 18 1.09 4.51 3.97
N ARG A 19 -0.09 4.05 4.34
CA ARG A 19 -1.21 4.93 4.58
C ARG A 19 -1.67 4.80 6.02
N CYS A 20 -2.45 5.76 6.47
CA CYS A 20 -2.93 5.76 7.84
C CYS A 20 -4.45 5.91 7.87
N ASN A 21 -5.06 5.53 8.97
CA ASN A 21 -6.51 5.62 9.09
C ASN A 21 -6.95 6.99 9.60
N ALA A 1 -3.85 7.50 14.95
CA ALA A 1 -3.61 7.16 13.53
C ALA A 1 -2.72 5.95 13.40
N PHE A 2 -3.26 4.89 12.82
CA PHE A 2 -2.51 3.69 12.55
C PHE A 2 -2.09 3.66 11.09
N CYS A 3 -0.82 3.39 10.83
CA CYS A 3 -0.30 3.38 9.48
C CYS A 3 0.12 1.98 9.07
N TRP A 4 -0.11 1.64 7.81
CA TRP A 4 0.25 0.33 7.29
C TRP A 4 0.54 0.42 5.81
N ASN A 5 1.05 -0.67 5.24
CA ASN A 5 1.43 -0.70 3.84
C ASN A 5 0.42 -1.48 3.01
N VAL A 6 -0.28 -0.76 2.16
CA VAL A 6 -1.25 -1.37 1.25
C VAL A 6 -0.56 -1.77 -0.05
N CYS A 7 -0.37 -3.06 -0.24
CA CYS A 7 0.21 -3.57 -1.48
C CYS A 7 -0.86 -3.78 -2.53
N VAL A 8 -0.73 -3.01 -3.61
CA VAL A 8 -1.67 -3.09 -4.71
C VAL A 8 -0.96 -3.61 -5.95
N TYR A 9 -1.60 -4.50 -6.67
CA TYR A 9 -1.05 -4.99 -7.93
C TYR A 9 -1.46 -4.04 -9.04
N ARG A 10 -0.55 -3.14 -9.39
CA ARG A 10 -0.82 -2.12 -10.38
C ARG A 10 0.18 -2.23 -11.50
N ASN A 11 -0.32 -2.47 -12.71
CA ASN A 11 0.54 -2.67 -13.89
C ASN A 11 1.39 -3.92 -13.69
N ALA A 12 0.78 -4.90 -13.01
CA ALA A 12 1.43 -6.16 -12.68
C ALA A 12 2.63 -5.95 -11.76
N VAL A 13 2.58 -4.90 -10.96
CA VAL A 13 3.58 -4.67 -9.94
C VAL A 13 2.89 -4.49 -8.60
N ARG A 14 3.32 -5.24 -7.60
CA ARG A 14 2.73 -5.15 -6.28
C ARG A 14 3.44 -4.08 -5.48
N VAL A 15 2.84 -2.91 -5.42
CA VAL A 15 3.42 -1.77 -4.75
C VAL A 15 2.73 -1.50 -3.41
N CYS A 16 3.52 -1.51 -2.34
CA CYS A 16 2.99 -1.20 -1.02
C CYS A 16 3.07 0.29 -0.74
N HIS A 17 1.95 0.87 -0.38
CA HIS A 17 1.87 2.28 -0.04
C HIS A 17 1.60 2.42 1.44
N ARG A 18 2.32 3.30 2.10
CA ARG A 18 2.12 3.48 3.53
C ARG A 18 1.05 4.53 3.78
N ARG A 19 -0.12 4.07 4.16
CA ARG A 19 -1.24 4.96 4.42
C ARG A 19 -1.58 4.92 5.90
N CYS A 20 -2.34 5.89 6.37
CA CYS A 20 -2.66 5.98 7.78
C CYS A 20 -4.16 6.16 8.00
N ASN A 21 -4.63 5.70 9.14
CA ASN A 21 -6.01 5.91 9.56
C ASN A 21 -6.05 6.30 11.03
N ALA A 1 -2.71 8.16 14.35
CA ALA A 1 -3.20 7.40 13.18
C ALA A 1 -2.51 6.06 13.08
N PHE A 2 -3.21 5.06 12.60
CA PHE A 2 -2.61 3.74 12.40
C PHE A 2 -2.20 3.60 10.94
N CYS A 3 -0.91 3.36 10.73
CA CYS A 3 -0.38 3.29 9.37
C CYS A 3 0.04 1.86 9.03
N TRP A 4 -0.17 1.48 7.77
CA TRP A 4 0.19 0.14 7.31
C TRP A 4 0.52 0.17 5.83
N ASN A 5 1.08 -0.93 5.35
CA ASN A 5 1.50 -1.04 3.96
C ASN A 5 0.41 -1.65 3.09
N VAL A 6 -0.16 -0.82 2.24
CA VAL A 6 -1.18 -1.27 1.30
C VAL A 6 -0.53 -1.66 -0.02
N CYS A 7 -0.50 -2.95 -0.29
CA CYS A 7 0.09 -3.45 -1.53
C CYS A 7 -0.96 -3.53 -2.62
N VAL A 8 -0.79 -2.70 -3.62
CA VAL A 8 -1.67 -2.69 -4.78
C VAL A 8 -0.95 -3.32 -5.96
N TYR A 9 -1.66 -4.17 -6.68
CA TYR A 9 -1.13 -4.76 -7.89
C TYR A 9 -1.55 -3.91 -9.06
N ARG A 10 -0.63 -3.07 -9.50
CA ARG A 10 -0.89 -2.12 -10.55
C ARG A 10 0.08 -2.38 -11.70
N ASN A 11 -0.48 -2.81 -12.84
CA ASN A 11 0.33 -3.23 -13.99
C ASN A 11 1.21 -4.40 -13.62
N ALA A 12 0.64 -5.30 -12.78
CA ALA A 12 1.33 -6.49 -12.28
C ALA A 12 2.43 -6.15 -11.28
N VAL A 13 2.62 -4.86 -11.01
CA VAL A 13 3.60 -4.42 -10.04
C VAL A 13 2.96 -4.32 -8.68
N ARG A 14 3.58 -4.95 -7.71
CA ARG A 14 3.10 -4.93 -6.35
C ARG A 14 3.70 -3.75 -5.60
N VAL A 15 2.94 -2.69 -5.46
CA VAL A 15 3.42 -1.49 -4.79
C VAL A 15 2.72 -1.29 -3.45
N CYS A 16 3.48 -1.40 -2.38
CA CYS A 16 2.95 -1.15 -1.06
C CYS A 16 3.15 0.31 -0.66
N HIS A 17 2.07 0.95 -0.27
CA HIS A 17 2.10 2.34 0.15
C HIS A 17 1.87 2.38 1.64
N ARG A 18 2.50 3.30 2.34
CA ARG A 18 2.26 3.46 3.76
C ARG A 18 1.12 4.44 3.97
N ARG A 19 -0.07 3.90 4.18
CA ARG A 19 -1.26 4.71 4.38
C ARG A 19 -1.56 4.79 5.87
N CYS A 20 -2.33 5.79 6.25
CA CYS A 20 -2.64 5.97 7.67
C CYS A 20 -4.13 6.20 7.87
N ASN A 21 -4.67 5.58 8.89
CA ASN A 21 -6.06 5.75 9.26
C ASN A 21 -6.14 6.49 10.58
N ALA A 1 -3.70 7.32 15.05
CA ALA A 1 -3.74 6.97 13.61
C ALA A 1 -3.08 5.62 13.37
N PHE A 2 -3.76 4.76 12.64
CA PHE A 2 -3.24 3.44 12.33
C PHE A 2 -2.66 3.42 10.92
N CYS A 3 -1.36 3.17 10.82
CA CYS A 3 -0.69 3.16 9.55
C CYS A 3 -0.42 1.72 9.11
N TRP A 4 -0.55 1.45 7.82
CA TRP A 4 -0.30 0.11 7.30
C TRP A 4 0.19 0.17 5.87
N ASN A 5 0.77 -0.92 5.41
CA ASN A 5 1.34 -0.99 4.07
C ASN A 5 0.31 -1.53 3.08
N VAL A 6 -0.15 -0.64 2.22
CA VAL A 6 -1.08 -1.01 1.18
C VAL A 6 -0.31 -1.44 -0.05
N CYS A 7 -0.24 -2.75 -0.26
CA CYS A 7 0.47 -3.29 -1.39
C CYS A 7 -0.49 -3.56 -2.53
N VAL A 8 -0.48 -2.68 -3.51
CA VAL A 8 -1.42 -2.75 -4.61
C VAL A 8 -0.77 -3.40 -5.82
N TYR A 9 -1.47 -4.33 -6.43
CA TYR A 9 -1.00 -4.93 -7.66
C TYR A 9 -1.51 -4.08 -8.81
N ARG A 10 -0.65 -3.22 -9.31
CA ARG A 10 -1.02 -2.27 -10.33
C ARG A 10 -0.19 -2.50 -11.57
N ASN A 11 -0.85 -2.96 -12.62
CA ASN A 11 -0.18 -3.32 -13.88
C ASN A 11 0.77 -4.48 -13.63
N ALA A 12 0.34 -5.39 -12.77
CA ALA A 12 1.10 -6.59 -12.40
C ALA A 12 2.35 -6.23 -11.59
N VAL A 13 2.41 -5.02 -11.09
CA VAL A 13 3.50 -4.61 -10.23
C VAL A 13 2.97 -4.35 -8.82
N ARG A 14 3.66 -4.89 -7.83
CA ARG A 14 3.24 -4.73 -6.46
C ARG A 14 3.86 -3.48 -5.85
N VAL A 15 3.03 -2.46 -5.65
CA VAL A 15 3.50 -1.22 -5.06
C VAL A 15 2.93 -1.06 -3.65
N CYS A 16 3.82 -1.10 -2.66
CA CYS A 16 3.42 -0.96 -1.28
C CYS A 16 3.54 0.48 -0.82
N HIS A 17 2.43 1.05 -0.38
CA HIS A 17 2.41 2.42 0.12
C HIS A 17 2.09 2.39 1.60
N ARG A 18 2.77 3.22 2.38
CA ARG A 18 2.43 3.32 3.79
C ARG A 18 1.39 4.41 3.99
N ARG A 19 0.15 3.99 4.12
CA ARG A 19 -0.94 4.93 4.34
C ARG A 19 -1.33 4.88 5.81
N CYS A 20 -2.03 5.88 6.28
CA CYS A 20 -2.43 5.92 7.66
C CYS A 20 -3.83 6.51 7.81
N ASN A 21 -4.53 6.08 8.83
CA ASN A 21 -5.88 6.53 9.09
C ASN A 21 -6.07 6.83 10.56
N ALA A 1 -3.85 7.44 14.79
CA ALA A 1 -4.09 6.78 13.49
C ALA A 1 -3.14 5.61 13.31
N PHE A 2 -3.65 4.52 12.75
CA PHE A 2 -2.82 3.36 12.47
C PHE A 2 -2.31 3.43 11.04
N CYS A 3 -1.01 3.19 10.88
CA CYS A 3 -0.39 3.26 9.57
C CYS A 3 0.05 1.87 9.12
N TRP A 4 -0.29 1.50 7.90
CA TRP A 4 0.07 0.18 7.36
C TRP A 4 0.40 0.28 5.88
N ASN A 5 1.06 -0.74 5.37
CA ASN A 5 1.46 -0.77 3.97
C ASN A 5 0.38 -1.39 3.09
N VAL A 6 -0.22 -0.56 2.25
CA VAL A 6 -1.21 -1.02 1.30
C VAL A 6 -0.53 -1.40 -0.01
N CYS A 7 -0.52 -2.69 -0.31
CA CYS A 7 0.09 -3.18 -1.54
C CYS A 7 -0.95 -3.28 -2.64
N VAL A 8 -0.66 -2.65 -3.77
CA VAL A 8 -1.55 -2.70 -4.92
C VAL A 8 -0.86 -3.39 -6.08
N TYR A 9 -1.58 -4.29 -6.71
CA TYR A 9 -1.07 -4.94 -7.91
C TYR A 9 -1.63 -4.22 -9.12
N ARG A 10 -0.82 -3.36 -9.68
CA ARG A 10 -1.18 -2.65 -10.89
C ARG A 10 -0.06 -2.80 -11.90
N ASN A 11 -0.43 -3.00 -13.16
CA ASN A 11 0.54 -3.31 -14.21
C ASN A 11 1.29 -4.59 -13.88
N ALA A 12 0.65 -5.44 -13.06
CA ALA A 12 1.26 -6.68 -12.55
C ALA A 12 2.47 -6.37 -11.67
N VAL A 13 2.50 -5.17 -11.12
CA VAL A 13 3.55 -4.76 -10.20
C VAL A 13 2.94 -4.50 -8.83
N ARG A 14 3.55 -5.05 -7.79
CA ARG A 14 3.07 -4.85 -6.44
C ARG A 14 3.71 -3.59 -5.86
N VAL A 15 2.88 -2.66 -5.42
CA VAL A 15 3.38 -1.44 -4.81
C VAL A 15 2.73 -1.19 -3.45
N CYS A 16 3.54 -1.09 -2.42
CA CYS A 16 3.04 -0.84 -1.08
C CYS A 16 3.22 0.61 -0.67
N HIS A 17 2.15 1.21 -0.20
CA HIS A 17 2.19 2.58 0.30
C HIS A 17 1.84 2.55 1.78
N ARG A 18 2.57 3.30 2.59
CA ARG A 18 2.30 3.33 4.00
C ARG A 18 1.28 4.42 4.31
N ARG A 19 0.03 4.02 4.45
CA ARG A 19 -1.05 4.96 4.67
C ARG A 19 -1.44 4.95 6.14
N CYS A 20 -2.15 5.96 6.57
CA CYS A 20 -2.55 6.08 7.97
C CYS A 20 -4.04 6.31 8.08
N ASN A 21 -4.66 5.66 9.06
CA ASN A 21 -6.08 5.82 9.32
C ASN A 21 -6.34 5.66 10.81
N ALA A 1 -2.46 8.79 14.15
CA ALA A 1 -3.26 7.91 13.28
C ALA A 1 -2.60 6.54 13.18
N PHE A 2 -3.35 5.56 12.69
CA PHE A 2 -2.81 4.23 12.48
C PHE A 2 -2.39 4.09 11.02
N CYS A 3 -1.15 3.71 10.80
CA CYS A 3 -0.63 3.57 9.45
C CYS A 3 -0.19 2.15 9.20
N TRP A 4 -0.36 1.68 7.96
CA TRP A 4 0.03 0.33 7.58
C TRP A 4 0.41 0.30 6.10
N ASN A 5 1.01 -0.79 5.68
CA ASN A 5 1.43 -0.93 4.29
C ASN A 5 0.38 -1.68 3.48
N VAL A 6 -0.04 -1.07 2.39
CA VAL A 6 -0.99 -1.70 1.48
C VAL A 6 -0.31 -1.96 0.15
N CYS A 7 -0.10 -3.21 -0.18
CA CYS A 7 0.53 -3.57 -1.44
C CYS A 7 -0.52 -3.94 -2.47
N VAL A 8 -0.51 -3.22 -3.57
CA VAL A 8 -1.49 -3.38 -4.62
C VAL A 8 -0.81 -3.80 -5.92
N TYR A 9 -1.40 -4.74 -6.63
CA TYR A 9 -0.94 -5.09 -7.95
C TYR A 9 -1.45 -4.07 -8.94
N ARG A 10 -0.58 -3.13 -9.28
CA ARG A 10 -0.93 -2.06 -10.17
C ARG A 10 0.00 -2.08 -11.37
N ASN A 11 -0.58 -2.23 -12.56
CA ASN A 11 0.20 -2.37 -13.79
C ASN A 11 1.03 -3.65 -13.74
N ALA A 12 0.45 -4.67 -13.12
CA ALA A 12 1.08 -5.99 -12.95
C ALA A 12 2.30 -5.92 -12.05
N VAL A 13 2.36 -4.88 -11.22
CA VAL A 13 3.46 -4.71 -10.28
C VAL A 13 2.91 -4.48 -8.87
N ARG A 14 3.47 -5.19 -7.90
CA ARG A 14 3.04 -5.10 -6.53
C ARG A 14 3.71 -3.91 -5.83
N VAL A 15 2.95 -2.85 -5.58
CA VAL A 15 3.49 -1.67 -4.93
C VAL A 15 2.89 -1.49 -3.53
N CYS A 16 3.77 -1.39 -2.54
CA CYS A 16 3.35 -1.22 -1.15
C CYS A 16 3.30 0.27 -0.79
N HIS A 17 2.15 0.73 -0.32
CA HIS A 17 2.00 2.12 0.10
C HIS A 17 1.80 2.16 1.62
N ARG A 18 2.46 3.09 2.28
CA ARG A 18 2.26 3.29 3.70
C ARG A 18 1.17 4.32 3.91
N ARG A 19 -0.04 3.87 4.18
CA ARG A 19 -1.17 4.76 4.30
C ARG A 19 -1.62 4.84 5.76
N CYS A 20 -2.38 5.86 6.09
CA CYS A 20 -2.80 6.08 7.46
C CYS A 20 -4.31 6.26 7.56
N ASN A 21 -4.85 6.01 8.75
CA ASN A 21 -6.26 6.18 9.01
C ASN A 21 -6.45 6.94 10.32
N ALA A 1 -1.67 8.27 14.31
CA ALA A 1 -2.65 7.36 13.68
C ALA A 1 -1.97 6.05 13.28
N PHE A 2 -2.76 4.99 13.17
CA PHE A 2 -2.26 3.70 12.77
C PHE A 2 -1.96 3.68 11.28
N CYS A 3 -0.77 3.23 10.92
CA CYS A 3 -0.36 3.20 9.52
C CYS A 3 0.01 1.78 9.10
N TRP A 4 -0.12 1.49 7.81
CA TRP A 4 0.21 0.18 7.28
C TRP A 4 0.53 0.25 5.79
N ASN A 5 1.06 -0.83 5.27
CA ASN A 5 1.45 -0.92 3.88
C ASN A 5 0.32 -1.48 3.02
N VAL A 6 -0.22 -0.65 2.15
CA VAL A 6 -1.24 -1.08 1.22
C VAL A 6 -0.62 -1.49 -0.10
N CYS A 7 -0.54 -2.79 -0.33
CA CYS A 7 0.03 -3.31 -1.56
C CYS A 7 -1.05 -3.51 -2.61
N VAL A 8 -0.86 -2.86 -3.75
CA VAL A 8 -1.77 -2.96 -4.87
C VAL A 8 -1.04 -3.56 -6.06
N TYR A 9 -1.70 -4.47 -6.77
CA TYR A 9 -1.12 -5.02 -7.99
C TYR A 9 -1.49 -4.12 -9.14
N ARG A 10 -0.56 -3.24 -9.50
CA ARG A 10 -0.78 -2.28 -10.55
C ARG A 10 0.33 -2.40 -11.57
N ASN A 11 -0.06 -2.56 -12.83
CA ASN A 11 0.90 -2.82 -13.91
C ASN A 11 1.59 -4.16 -13.66
N ALA A 12 0.86 -5.05 -13.00
CA ALA A 12 1.36 -6.37 -12.61
C ALA A 12 2.53 -6.27 -11.62
N VAL A 13 2.61 -5.14 -10.93
CA VAL A 13 3.61 -4.94 -9.91
C VAL A 13 2.93 -4.67 -8.57
N ARG A 14 3.40 -5.32 -7.51
CA ARG A 14 2.81 -5.16 -6.20
C ARG A 14 3.45 -3.98 -5.48
N VAL A 15 2.77 -2.84 -5.51
CA VAL A 15 3.28 -1.62 -4.88
C VAL A 15 2.60 -1.36 -3.55
N CYS A 16 3.40 -1.18 -2.51
CA CYS A 16 2.86 -0.89 -1.19
C CYS A 16 2.97 0.59 -0.86
N HIS A 17 1.86 1.17 -0.43
CA HIS A 17 1.82 2.55 -0.02
C HIS A 17 1.62 2.60 1.48
N ARG A 18 2.33 3.48 2.17
CA ARG A 18 2.18 3.59 3.60
C ARG A 18 1.10 4.60 3.94
N ARG A 19 -0.08 4.11 4.24
CA ARG A 19 -1.21 4.97 4.54
C ARG A 19 -1.55 4.86 6.03
N CYS A 20 -2.32 5.82 6.51
CA CYS A 20 -2.69 5.84 7.92
C CYS A 20 -4.19 6.06 8.07
N ASN A 21 -4.78 5.43 9.09
CA ASN A 21 -6.21 5.56 9.34
C ASN A 21 -6.46 6.69 10.33
N ALA A 1 -2.89 6.89 15.87
CA ALA A 1 -3.12 6.60 14.44
C ALA A 1 -2.44 5.30 14.05
N PHE A 2 -3.11 4.49 13.26
CA PHE A 2 -2.56 3.23 12.78
C PHE A 2 -2.14 3.37 11.33
N CYS A 3 -0.96 2.88 11.00
CA CYS A 3 -0.45 2.96 9.65
C CYS A 3 -0.15 1.56 9.12
N TRP A 4 -0.29 1.38 7.82
CA TRP A 4 -0.05 0.08 7.21
C TRP A 4 0.35 0.25 5.74
N ASN A 5 0.87 -0.83 5.17
CA ASN A 5 1.28 -0.82 3.77
C ASN A 5 0.16 -1.30 2.87
N VAL A 6 -0.35 -0.40 2.05
CA VAL A 6 -1.36 -0.74 1.07
C VAL A 6 -0.69 -1.20 -0.21
N CYS A 7 -0.75 -2.49 -0.47
CA CYS A 7 -0.06 -3.07 -1.60
C CYS A 7 -1.01 -3.29 -2.76
N VAL A 8 -0.83 -2.48 -3.80
CA VAL A 8 -1.67 -2.54 -4.99
C VAL A 8 -0.95 -3.26 -6.11
N TYR A 9 -1.63 -4.16 -6.77
CA TYR A 9 -1.08 -4.80 -7.95
C TYR A 9 -1.44 -4.00 -9.18
N ARG A 10 -0.50 -3.19 -9.62
CA ARG A 10 -0.70 -2.32 -10.75
C ARG A 10 0.21 -2.74 -11.89
N ASN A 11 -0.39 -3.34 -12.91
CA ASN A 11 0.36 -3.87 -14.06
C ASN A 11 1.29 -4.98 -13.61
N ALA A 12 0.76 -5.85 -12.73
CA ALA A 12 1.49 -6.99 -12.18
C ALA A 12 2.59 -6.56 -11.22
N VAL A 13 2.68 -5.27 -10.96
CA VAL A 13 3.67 -4.74 -10.01
C VAL A 13 2.99 -4.41 -8.69
N ARG A 14 3.50 -4.98 -7.62
CA ARG A 14 2.96 -4.77 -6.30
C ARG A 14 3.56 -3.52 -5.67
N VAL A 15 2.82 -2.44 -5.68
CA VAL A 15 3.27 -1.19 -5.08
C VAL A 15 2.64 -1.01 -3.69
N CYS A 16 3.47 -0.89 -2.69
CA CYS A 16 2.99 -0.76 -1.32
C CYS A 16 3.18 0.65 -0.81
N HIS A 17 2.08 1.27 -0.42
CA HIS A 17 2.12 2.64 0.11
C HIS A 17 1.81 2.62 1.59
N ARG A 18 2.56 3.35 2.39
CA ARG A 18 2.33 3.39 3.81
C ARG A 18 1.34 4.51 4.14
N ARG A 19 0.12 4.12 4.47
CA ARG A 19 -0.92 5.08 4.78
C ARG A 19 -1.37 4.90 6.22
N CYS A 20 -2.02 5.91 6.76
CA CYS A 20 -2.50 5.86 8.12
C CYS A 20 -3.98 6.20 8.14
N ASN A 21 -4.66 5.90 9.23
CA ASN A 21 -6.07 6.21 9.35
C ASN A 21 -6.28 7.56 10.00
#